data_9UDR
#
_entry.id   9UDR
#
_cell.length_a   40.039
_cell.length_b   71.834
_cell.length_c   82.054
_cell.angle_alpha   90.000
_cell.angle_beta   90.000
_cell.angle_gamma   90.000
#
_symmetry.space_group_name_H-M   'P 21 21 21'
#
loop_
_entity.id
_entity.type
_entity.pdbx_description
1 polymer 'Single-chain Fv antibody of B2'
2 non-polymer '2-[2-(3-nitro-4-oxidanyl-phenyl)ethanoylamino]ethanoic acid'
3 water water
#
_entity_poly.entity_id   1
_entity_poly.type   'polypeptide(L)'
_entity_poly.pdbx_seq_one_letter_code
;GSQAVVTQESALTTSPGETVTLTCRSSTGAVTTSNYANWVQEKPDHLFTGLIGGTNNRAPGVPARFSGSLIGDKAALTIT
GAQTEDEAIYFCALWYSNHWVFGGGTKLTVLGGGGGSGGGGSGGGGSQVQLQQPGAELVKPGASVKLSCKASGYTFTSYL
MHWVKQRPGRGLEWIGRIDPNSGGTKYSEKFKSKATLTVDKPSSTAYMQFSSLTSEDSAVYYCARYYYGAYFDYWGQGTT
LTVSS
;
_entity_poly.pdbx_strand_id   A
#
loop_
_chem_comp.id
_chem_comp.type
_chem_comp.name
_chem_comp.formula
A1LZO non-polymer '2-[2-(3-nitro-4-oxidanyl-phenyl)ethanoylamino]ethanoic acid' 'C10 H10 N2 O6'
#
# COMPACT_ATOMS: atom_id res chain seq x y z
N SER A 2 17.97 -11.77 0.47
CA SER A 2 16.55 -11.96 0.68
C SER A 2 15.88 -10.74 1.34
N GLN A 3 14.72 -10.40 0.83
CA GLN A 3 13.95 -9.25 1.30
C GLN A 3 13.59 -9.39 2.77
N ALA A 4 13.58 -8.26 3.47
CA ALA A 4 13.15 -8.24 4.85
C ALA A 4 11.69 -8.67 4.94
N VAL A 5 11.34 -9.23 6.09
CA VAL A 5 9.95 -9.52 6.47
C VAL A 5 9.51 -8.46 7.47
N VAL A 6 8.35 -7.87 7.22
CA VAL A 6 7.79 -6.82 8.07
C VAL A 6 6.62 -7.43 8.79
N THR A 7 6.62 -7.39 10.13
CA THR A 7 5.62 -8.11 10.93
C THR A 7 4.75 -7.15 11.72
N GLN A 8 3.45 -7.35 11.64
CA GLN A 8 2.43 -6.63 12.38
C GLN A 8 1.61 -7.62 13.19
N GLU A 9 0.98 -7.15 14.26
CA GLU A 9 0.01 -7.99 14.96
C GLU A 9 -1.06 -8.44 13.97
N SER A 10 -1.48 -9.69 14.01
CA SER A 10 -2.52 -10.10 13.05
CA SER A 10 -2.52 -10.10 13.07
CA SER A 10 -2.53 -10.13 13.08
C SER A 10 -3.85 -9.42 13.37
N ALA A 11 -4.19 -9.28 14.65
CA ALA A 11 -5.49 -8.76 15.03
C ALA A 11 -5.39 -8.17 16.42
N LEU A 12 -6.03 -7.03 16.60
CA LEU A 12 -6.18 -6.41 17.90
C LEU A 12 -7.62 -5.97 18.08
N THR A 13 -8.04 -5.91 19.33
CA THR A 13 -9.38 -5.47 19.66
C THR A 13 -9.31 -4.30 20.62
N THR A 14 -10.13 -3.28 20.34
CA THR A 14 -10.27 -2.15 21.26
C THR A 14 -11.75 -1.82 21.37
N SER A 15 -12.06 -0.69 22.00
CA SER A 15 -13.45 -0.27 22.15
C SER A 15 -13.47 1.25 22.07
N PRO A 16 -14.62 1.84 21.86
CA PRO A 16 -14.67 3.28 21.58
C PRO A 16 -14.10 4.10 22.74
N GLY A 17 -13.25 5.08 22.40
CA GLY A 17 -12.67 5.97 23.37
C GLY A 17 -11.35 5.53 23.94
N GLU A 18 -10.94 4.28 23.73
CA GLU A 18 -9.65 3.80 24.23
C GLU A 18 -8.52 4.31 23.35
N THR A 19 -7.32 4.28 23.88
CA THR A 19 -6.10 4.46 23.12
C THR A 19 -5.50 3.09 22.83
N VAL A 20 -5.11 2.87 21.57
CA VAL A 20 -4.58 1.58 21.16
C VAL A 20 -3.37 1.84 20.27
N THR A 21 -2.35 0.97 20.36
CA THR A 21 -1.16 1.08 19.53
C THR A 21 -0.92 -0.21 18.74
N LEU A 22 -0.59 -0.03 17.46
CA LEU A 22 -0.24 -1.08 16.51
C LEU A 22 1.24 -0.96 16.20
N THR A 23 1.92 -2.10 15.97
CA THR A 23 3.36 -2.02 15.72
C THR A 23 3.77 -2.75 14.43
N CYS A 24 4.99 -2.41 14.01
CA CYS A 24 5.51 -2.79 12.70
C CYS A 24 6.99 -3.08 12.90
N ARG A 25 7.35 -4.35 12.79
CA ARG A 25 8.69 -4.83 13.12
C ARG A 25 9.43 -5.20 11.83
N SER A 26 10.72 -4.94 11.81
CA SER A 26 11.57 -5.32 10.69
C SER A 26 12.42 -6.54 11.07
N SER A 27 12.50 -7.51 10.15
CA SER A 27 13.32 -8.69 10.42
C SER A 27 14.82 -8.37 10.41
N THR A 28 15.24 -7.23 9.86
CA THR A 28 16.66 -6.89 9.71
C THR A 28 17.24 -6.27 10.95
N GLY A 29 16.41 -5.79 11.86
CA GLY A 29 16.87 -5.10 13.04
C GLY A 29 15.88 -4.01 13.37
N ALA A 30 16.35 -3.02 14.11
CA ALA A 30 15.48 -1.96 14.56
C ALA A 30 14.95 -1.18 13.36
N VAL A 31 13.70 -0.74 13.49
CA VAL A 31 13.13 0.21 12.54
C VAL A 31 13.69 1.57 12.93
N THR A 32 14.15 2.33 11.94
CA THR A 32 14.71 3.65 12.21
C THR A 32 14.04 4.65 11.29
N THR A 33 14.37 5.91 11.48
CA THR A 33 13.75 6.89 10.60
CA THR A 33 13.88 6.99 10.62
C THR A 33 14.15 6.72 9.14
N SER A 34 15.28 6.07 8.83
CA SER A 34 15.60 5.84 7.42
CA SER A 34 15.62 5.80 7.44
C SER A 34 14.69 4.80 6.78
N ASN A 35 13.84 4.13 7.53
CA ASN A 35 12.83 3.23 6.95
C ASN A 35 11.55 3.96 6.58
N TYR A 36 11.44 5.26 6.87
CA TYR A 36 10.31 6.08 6.43
C TYR A 36 8.97 5.39 6.65
N ALA A 37 8.73 4.90 7.87
CA ALA A 37 7.56 4.04 8.06
C ALA A 37 6.30 4.75 7.66
N ASN A 38 5.47 4.04 6.89
CA ASN A 38 4.15 4.52 6.46
C ASN A 38 3.07 3.61 7.01
N TRP A 39 1.91 4.22 7.27
CA TRP A 39 0.73 3.51 7.73
C TRP A 39 -0.40 3.84 6.79
N VAL A 40 -1.11 2.79 6.32
CA VAL A 40 -2.20 2.89 5.37
C VAL A 40 -3.40 2.15 5.92
N GLN A 41 -4.59 2.75 5.82
CA GLN A 41 -5.80 2.13 6.33
C GLN A 41 -6.65 1.57 5.20
N GLU A 42 -7.10 0.32 5.33
CA GLU A 42 -8.03 -0.30 4.38
C GLU A 42 -9.38 -0.36 5.05
N LYS A 43 -10.33 0.30 4.46
CA LYS A 43 -11.72 0.16 4.87
C LYS A 43 -12.51 -0.65 3.84
N PRO A 44 -13.69 -1.18 4.23
CA PRO A 44 -14.43 -2.06 3.33
C PRO A 44 -14.78 -1.34 2.05
N ASP A 45 -14.88 -2.13 1.00
CA ASP A 45 -15.03 -1.71 -0.38
C ASP A 45 -13.65 -1.37 -0.93
N HIS A 46 -12.58 -1.99 -0.39
CA HIS A 46 -11.20 -1.83 -0.91
C HIS A 46 -10.78 -0.37 -0.98
N LEU A 47 -11.07 0.39 0.07
CA LEU A 47 -10.80 1.82 0.14
C LEU A 47 -9.55 2.00 0.98
N PHE A 48 -8.47 2.45 0.35
CA PHE A 48 -7.21 2.67 1.04
C PHE A 48 -6.91 4.15 1.18
N THR A 49 -6.41 4.52 2.36
CA THR A 49 -6.01 5.91 2.66
CA THR A 49 -5.94 5.89 2.56
C THR A 49 -4.68 5.90 3.40
N GLY A 50 -3.73 6.71 2.96
CA GLY A 50 -2.50 6.88 3.73
C GLY A 50 -2.75 7.74 4.95
N LEU A 51 -2.32 7.28 6.11
CA LEU A 51 -2.52 8.02 7.34
C LEU A 51 -1.27 8.77 7.78
N ILE A 52 -0.12 8.08 7.80
CA ILE A 52 1.13 8.57 8.36
C ILE A 52 2.22 8.14 7.40
N GLY A 53 3.22 9.00 7.18
CA GLY A 53 4.43 8.58 6.51
C GLY A 53 5.65 9.20 7.18
N GLY A 54 6.85 8.83 6.76
CA GLY A 54 8.04 9.43 7.35
C GLY A 54 8.05 9.23 8.85
N THR A 55 7.63 8.06 9.32
CA THR A 55 7.52 7.72 10.75
C THR A 55 6.36 8.43 11.47
N ASN A 56 6.30 9.77 11.41
CA ASN A 56 5.41 10.52 12.29
C ASN A 56 4.74 11.69 11.58
N ASN A 57 4.76 11.73 10.25
CA ASN A 57 4.15 12.81 9.52
CA ASN A 57 4.18 12.82 9.46
C ASN A 57 2.73 12.43 9.11
N ARG A 58 1.75 13.08 9.72
CA ARG A 58 0.35 12.76 9.45
CA ARG A 58 0.36 12.76 9.44
C ARG A 58 -0.12 13.48 8.18
N ALA A 59 -0.82 12.75 7.32
CA ALA A 59 -1.27 13.34 6.06
C ALA A 59 -2.42 14.33 6.29
N PRO A 60 -2.53 15.35 5.43
CA PRO A 60 -3.62 16.33 5.56
C PRO A 60 -4.98 15.66 5.59
N GLY A 61 -5.86 16.21 6.40
CA GLY A 61 -7.20 15.67 6.44
C GLY A 61 -7.39 14.41 7.28
N VAL A 62 -6.33 13.76 7.71
CA VAL A 62 -6.45 12.57 8.57
C VAL A 62 -6.83 13.04 9.98
N PRO A 63 -7.76 12.38 10.68
CA PRO A 63 -8.07 12.82 12.04
C PRO A 63 -6.82 12.88 12.92
N ALA A 64 -6.80 13.86 13.83
CA ALA A 64 -5.62 14.06 14.66
C ALA A 64 -5.40 12.95 15.67
N ARG A 65 -6.40 12.09 15.92
CA ARG A 65 -6.20 10.98 16.85
C ARG A 65 -5.22 9.95 16.33
N PHE A 66 -4.84 9.98 15.05
CA PHE A 66 -3.81 9.08 14.53
C PHE A 66 -2.42 9.71 14.67
N SER A 67 -1.46 8.97 15.23
CA SER A 67 -0.09 9.46 15.28
CA SER A 67 -0.09 9.46 15.32
C SER A 67 0.88 8.30 15.11
N GLY A 68 2.07 8.61 14.60
CA GLY A 68 3.11 7.62 14.40
C GLY A 68 4.33 7.95 15.24
N SER A 69 5.04 6.90 15.65
CA SER A 69 6.28 7.08 16.41
C SER A 69 7.12 5.81 16.25
N LEU A 70 8.30 5.81 16.85
CA LEU A 70 9.11 4.61 17.03
C LEU A 70 9.04 4.23 18.49
N ILE A 71 8.74 2.96 18.78
N ILE A 71 8.67 2.99 18.78
CA ILE A 71 8.69 2.42 20.14
CA ILE A 71 8.65 2.51 20.16
C ILE A 71 9.30 1.03 20.10
C ILE A 71 9.57 1.31 20.20
N GLY A 72 10.19 0.74 21.04
N GLY A 72 10.63 1.43 21.02
CA GLY A 72 10.69 -0.63 21.14
CA GLY A 72 11.75 0.53 20.99
C GLY A 72 11.29 -1.16 19.85
C GLY A 72 12.23 0.40 19.56
N ASP A 73 12.08 -0.36 19.14
N ASP A 73 12.26 -0.85 19.09
CA ASP A 73 12.74 -0.76 17.90
CA ASP A 73 12.78 -1.17 17.78
C ASP A 73 11.75 -1.07 16.78
C ASP A 73 11.72 -1.18 16.68
N LYS A 74 10.50 -0.69 16.95
CA LYS A 74 9.42 -0.87 15.99
C LYS A 74 8.81 0.46 15.61
N ALA A 75 8.21 0.52 14.44
CA ALA A 75 7.30 1.64 14.12
C ALA A 75 5.95 1.38 14.78
N ALA A 76 5.28 2.44 15.21
CA ALA A 76 4.06 2.31 16.01
C ALA A 76 3.02 3.34 15.55
N LEU A 77 1.81 2.88 15.33
CA LEU A 77 0.67 3.75 15.06
C LEU A 77 -0.20 3.76 16.30
N THR A 78 -0.47 4.95 16.83
CA THR A 78 -1.33 5.07 18.01
C THR A 78 -2.60 5.78 17.61
N ILE A 79 -3.74 5.21 18.01
CA ILE A 79 -5.06 5.81 17.82
C ILE A 79 -5.52 6.26 19.20
N THR A 80 -5.67 7.58 19.39
CA THR A 80 -5.96 8.16 20.70
C THR A 80 -7.44 8.50 20.77
N GLY A 81 -8.25 7.57 21.31
CA GLY A 81 -9.70 7.78 21.37
C GLY A 81 -10.33 7.09 20.16
N ALA A 82 -10.27 5.76 20.10
CA ALA A 82 -10.74 5.03 18.93
C ALA A 82 -12.21 5.34 18.67
N GLN A 83 -12.56 5.47 17.40
CA GLN A 83 -13.95 5.67 16.99
C GLN A 83 -14.42 4.38 16.33
N THR A 84 -15.75 4.18 16.30
N THR A 84 -15.74 4.22 16.27
CA THR A 84 -16.25 2.96 15.67
CA THR A 84 -16.31 3.01 15.69
C THR A 84 -15.80 2.81 14.23
C THR A 84 -15.98 2.84 14.21
N GLU A 85 -15.66 3.92 13.50
CA GLU A 85 -15.27 3.84 12.09
C GLU A 85 -13.80 3.53 11.94
N ASP A 86 -13.03 3.46 13.04
CA ASP A 86 -11.62 3.04 12.96
C ASP A 86 -11.46 1.54 12.82
N GLU A 87 -12.56 0.78 12.89
CA GLU A 87 -12.48 -0.65 12.62
C GLU A 87 -12.09 -0.86 11.15
N ALA A 88 -10.93 -1.49 10.89
CA ALA A 88 -10.32 -1.46 9.57
C ALA A 88 -9.09 -2.33 9.64
N ILE A 89 -8.43 -2.51 8.50
CA ILE A 89 -7.14 -3.18 8.46
C ILE A 89 -6.07 -2.13 8.25
N TYR A 90 -5.02 -2.17 9.05
CA TYR A 90 -3.96 -1.18 8.97
C TYR A 90 -2.70 -1.86 8.49
N PHE A 91 -2.11 -1.36 7.41
CA PHE A 91 -0.86 -1.88 6.88
C PHE A 91 0.27 -0.92 7.17
N CYS A 92 1.42 -1.42 7.58
N CYS A 92 1.43 -1.45 7.47
CA CYS A 92 2.59 -0.55 7.55
CA CYS A 92 2.65 -0.67 7.61
C CYS A 92 3.44 -0.90 6.34
C CYS A 92 3.61 -1.01 6.49
N ALA A 93 4.36 -0.01 6.01
CA ALA A 93 5.32 -0.23 4.92
C ALA A 93 6.62 0.41 5.37
N LEU A 94 7.71 -0.31 5.15
CA LEU A 94 9.06 0.17 5.47
C LEU A 94 9.91 0.21 4.21
N TRP A 95 10.77 1.24 4.13
CA TRP A 95 11.64 1.45 2.99
C TRP A 95 13.04 0.91 3.29
N TYR A 96 13.56 0.09 2.39
CA TYR A 96 14.88 -0.55 2.53
C TYR A 96 15.74 -0.12 1.35
N SER A 97 16.12 1.16 1.34
CA SER A 97 17.09 1.72 0.39
CA SER A 97 17.09 1.73 0.40
C SER A 97 16.58 1.88 -1.03
N ASN A 98 15.91 0.85 -1.57
CA ASN A 98 15.46 0.88 -2.96
C ASN A 98 14.18 0.08 -3.16
N HIS A 99 13.48 -0.29 -2.09
CA HIS A 99 12.19 -0.96 -2.25
C HIS A 99 11.41 -0.77 -0.96
N TRP A 100 10.09 -0.80 -1.10
CA TRP A 100 9.21 -0.89 0.07
C TRP A 100 8.85 -2.33 0.34
N VAL A 101 8.63 -2.64 1.62
CA VAL A 101 8.02 -3.92 2.03
C VAL A 101 6.84 -3.62 2.93
N PHE A 102 5.66 -4.13 2.55
CA PHE A 102 4.50 -4.02 3.44
C PHE A 102 4.46 -5.12 4.48
N GLY A 103 4.04 -4.76 5.68
CA GLY A 103 3.67 -5.73 6.70
C GLY A 103 2.39 -6.46 6.30
N GLY A 104 2.07 -7.49 7.07
CA GLY A 104 0.91 -8.32 6.79
C GLY A 104 -0.41 -7.71 7.14
N GLY A 105 -0.43 -6.56 7.80
CA GLY A 105 -1.67 -5.91 8.19
C GLY A 105 -2.15 -6.36 9.55
N THR A 106 -2.83 -5.42 10.21
CA THR A 106 -3.47 -5.70 11.48
C THR A 106 -4.95 -5.43 11.36
N LYS A 107 -5.78 -6.43 11.65
N LYS A 107 -5.78 -6.43 11.65
CA LYS A 107 -7.21 -6.23 11.66
CA LYS A 107 -7.21 -6.23 11.66
C LYS A 107 -7.63 -5.66 13.01
C LYS A 107 -7.63 -5.66 13.01
N LEU A 108 -8.00 -4.39 13.01
CA LEU A 108 -8.46 -3.77 14.25
C LEU A 108 -9.96 -3.83 14.40
N THR A 109 -10.42 -4.52 15.43
CA THR A 109 -11.83 -4.55 15.77
C THR A 109 -12.11 -3.49 16.84
N VAL A 110 -13.13 -2.68 16.60
CA VAL A 110 -13.59 -1.71 17.60
C VAL A 110 -14.95 -2.22 18.06
N LEU A 111 -14.99 -2.84 19.23
CA LEU A 111 -16.22 -3.48 19.70
C LEU A 111 -17.22 -2.41 20.11
N GLY A 112 -18.45 -2.54 19.63
CA GLY A 112 -19.49 -1.54 19.85
C GLY A 112 -19.84 -0.86 18.55
N GLY A 113 -19.06 -1.20 17.52
CA GLY A 113 -19.12 -0.75 16.14
C GLY A 113 -17.98 -1.41 15.38
N GLN A 128 -10.51 17.63 -6.67
CA GLN A 128 -9.80 16.87 -5.67
C GLN A 128 -8.92 15.86 -6.34
N VAL A 129 -8.05 15.27 -5.55
CA VAL A 129 -7.10 14.34 -6.09
C VAL A 129 -7.82 13.03 -6.36
N GLN A 130 -7.66 12.49 -7.57
CA GLN A 130 -8.16 11.17 -7.85
C GLN A 130 -7.14 10.40 -8.67
N LEU A 131 -6.99 9.12 -8.34
CA LEU A 131 -6.26 8.17 -9.17
CA LEU A 131 -6.25 8.16 -9.17
C LEU A 131 -7.31 7.24 -9.74
N GLN A 132 -7.47 7.24 -11.07
CA GLN A 132 -8.61 6.60 -11.70
C GLN A 132 -8.13 5.31 -12.37
N GLN A 133 -8.62 4.17 -11.86
CA GLN A 133 -8.30 2.86 -12.40
C GLN A 133 -9.56 2.17 -12.89
N PRO A 134 -9.51 1.50 -14.03
CA PRO A 134 -10.67 0.72 -14.46
C PRO A 134 -11.01 -0.33 -13.40
N GLY A 135 -12.29 -0.66 -13.29
CA GLY A 135 -12.72 -1.60 -12.29
C GLY A 135 -12.17 -3.02 -12.41
N ALA A 136 -12.04 -3.55 -13.63
N ALA A 136 -12.07 -3.55 -13.62
CA ALA A 136 -11.68 -4.97 -13.77
CA ALA A 136 -11.72 -4.97 -13.72
C ALA A 136 -11.06 -5.30 -15.11
C ALA A 136 -11.13 -5.29 -15.08
N GLU A 137 -10.28 -6.40 -15.12
N GLU A 137 -10.38 -6.40 -15.13
CA GLU A 137 -9.83 -7.05 -16.34
CA GLU A 137 -9.97 -7.01 -16.38
C GLU A 137 -10.09 -8.54 -16.15
C GLU A 137 -10.05 -8.52 -16.22
N LEU A 138 -10.89 -9.12 -17.04
CA LEU A 138 -11.09 -10.57 -17.13
C LEU A 138 -10.29 -11.04 -18.34
N VAL A 139 -9.29 -11.90 -18.09
CA VAL A 139 -8.37 -12.33 -19.14
C VAL A 139 -8.18 -13.82 -19.05
N LYS A 140 -7.66 -14.40 -20.14
CA LYS A 140 -7.42 -15.83 -20.20
C LYS A 140 -6.07 -16.20 -19.63
N PRO A 141 -5.91 -17.41 -19.12
CA PRO A 141 -4.57 -17.89 -18.75
C PRO A 141 -3.66 -17.82 -19.95
N GLY A 142 -2.46 -17.29 -19.75
CA GLY A 142 -1.48 -17.14 -20.79
C GLY A 142 -1.53 -15.78 -21.44
N ALA A 143 -2.58 -14.98 -21.18
CA ALA A 143 -2.72 -13.71 -21.86
C ALA A 143 -1.86 -12.61 -21.22
N SER A 144 -1.85 -11.46 -21.86
N SER A 144 -1.83 -11.46 -21.86
CA SER A 144 -1.22 -10.25 -21.36
CA SER A 144 -1.22 -10.28 -21.29
C SER A 144 -2.28 -9.22 -20.98
C SER A 144 -2.31 -9.30 -20.87
N VAL A 145 -1.89 -8.26 -20.13
CA VAL A 145 -2.80 -7.19 -19.76
C VAL A 145 -1.99 -5.91 -19.56
N LYS A 146 -2.62 -4.75 -19.77
CA LYS A 146 -2.02 -3.46 -19.45
C LYS A 146 -2.99 -2.71 -18.56
N LEU A 147 -2.62 -2.53 -17.30
CA LEU A 147 -3.44 -1.82 -16.32
C LEU A 147 -3.13 -0.33 -16.34
N SER A 148 -4.15 0.51 -16.15
CA SER A 148 -3.94 1.95 -16.25
C SER A 148 -4.38 2.66 -14.97
N CYS A 149 -3.75 3.80 -14.74
CA CYS A 149 -4.05 4.61 -13.56
C CYS A 149 -3.88 6.06 -13.97
N LYS A 150 -4.99 6.76 -14.11
CA LYS A 150 -4.97 8.13 -14.59
C LYS A 150 -5.03 9.10 -13.42
N ALA A 151 -4.08 10.02 -13.37
CA ALA A 151 -4.03 11.00 -12.28
C ALA A 151 -4.85 12.22 -12.65
N SER A 152 -5.70 12.66 -11.72
CA SER A 152 -6.58 13.81 -11.89
C SER A 152 -6.47 14.70 -10.65
N GLY A 153 -6.49 16.01 -10.86
CA GLY A 153 -6.55 16.92 -9.75
C GLY A 153 -5.24 17.23 -9.07
N TYR A 154 -4.12 16.78 -9.64
CA TYR A 154 -2.81 17.16 -9.12
C TYR A 154 -1.82 17.02 -10.27
N THR A 155 -0.59 17.47 -10.04
CA THR A 155 0.44 17.41 -11.08
C THR A 155 1.07 16.03 -11.08
N PHE A 156 0.79 15.25 -12.13
CA PHE A 156 1.24 13.86 -12.24
C PHE A 156 2.74 13.76 -12.09
N THR A 157 3.49 14.67 -12.69
CA THR A 157 4.93 14.54 -12.68
C THR A 157 5.56 14.91 -11.35
N SER A 158 4.79 15.39 -10.37
CA SER A 158 5.37 15.80 -9.08
C SER A 158 5.42 14.68 -8.05
N TYR A 159 4.83 13.53 -8.33
CA TYR A 159 4.74 12.42 -7.37
C TYR A 159 5.19 11.11 -8.02
N LEU A 160 5.86 10.27 -7.24
CA LEU A 160 6.09 8.90 -7.70
C LEU A 160 4.77 8.14 -7.74
N MET A 161 4.65 7.23 -8.68
CA MET A 161 3.46 6.39 -8.78
C MET A 161 3.82 4.96 -8.44
N HIS A 162 3.22 4.42 -7.40
CA HIS A 162 3.49 3.08 -6.92
C HIS A 162 2.38 2.12 -7.34
N TRP A 163 2.72 0.83 -7.41
CA TRP A 163 1.77 -0.21 -7.73
C TRP A 163 1.87 -1.30 -6.67
N VAL A 164 0.70 -1.82 -6.28
CA VAL A 164 0.59 -2.74 -5.16
C VAL A 164 -0.40 -3.83 -5.53
N LYS A 165 -0.09 -5.07 -5.17
CA LYS A 165 -0.96 -6.22 -5.42
C LYS A 165 -1.62 -6.67 -4.12
N GLN A 166 -2.91 -6.98 -4.18
N GLN A 166 -2.91 -7.00 -4.22
CA GLN A 166 -3.61 -7.54 -3.03
CA GLN A 166 -3.64 -7.50 -3.07
C GLN A 166 -4.36 -8.79 -3.45
C GLN A 166 -4.32 -8.78 -3.53
N ARG A 167 -3.97 -9.94 -2.90
N ARG A 167 -3.90 -9.95 -3.04
CA ARG A 167 -4.60 -11.25 -2.98
CA ARG A 167 -4.62 -11.15 -3.46
C ARG A 167 -5.06 -11.67 -1.60
C ARG A 167 -5.85 -11.32 -2.59
N PRO A 168 -6.13 -12.44 -1.51
N PRO A 168 -6.85 -12.09 -3.08
CA PRO A 168 -6.57 -12.99 -0.22
CA PRO A 168 -8.10 -12.23 -2.31
C PRO A 168 -5.46 -13.69 0.55
C PRO A 168 -7.92 -12.54 -0.83
N GLY A 169 -5.42 -13.46 1.86
N GLY A 169 -7.19 -13.60 -0.51
CA GLY A 169 -4.43 -14.05 2.74
CA GLY A 169 -6.93 -13.88 0.89
C GLY A 169 -3.00 -13.61 2.49
C GLY A 169 -5.53 -13.47 1.32
N ARG A 170 -2.77 -12.68 1.57
N ARG A 170 -5.21 -12.17 1.27
CA ARG A 170 -1.42 -12.20 1.26
CA ARG A 170 -3.84 -11.79 1.61
C ARG A 170 -1.28 -10.69 1.43
C ARG A 170 -3.75 -10.28 1.85
N GLY A 171 -2.19 -10.05 2.17
N GLY A 171 -2.56 -9.89 2.29
CA GLY A 171 -1.92 -8.66 2.53
CA GLY A 171 -2.19 -8.50 2.42
C GLY A 171 -1.84 -7.76 1.30
C GLY A 171 -1.55 -7.93 1.17
N LEU A 172 -0.97 -6.77 1.36
CA LEU A 172 -0.47 -6.00 0.25
C LEU A 172 0.96 -6.40 -0.08
N GLU A 173 1.29 -6.36 -1.37
CA GLU A 173 2.63 -6.67 -1.84
CA GLU A 173 2.62 -6.71 -1.88
C GLU A 173 3.08 -5.56 -2.79
N TRP A 174 4.17 -4.92 -2.45
CA TRP A 174 4.69 -3.84 -3.29
C TRP A 174 5.25 -4.41 -4.59
N ILE A 175 4.81 -3.87 -5.72
CA ILE A 175 5.34 -4.30 -7.02
C ILE A 175 6.51 -3.44 -7.41
N GLY A 176 6.34 -2.12 -7.37
CA GLY A 176 7.37 -1.21 -7.81
C GLY A 176 6.79 0.18 -7.96
N ARG A 177 7.63 1.11 -8.41
CA ARG A 177 7.14 2.44 -8.67
C ARG A 177 7.86 3.06 -9.85
N ILE A 178 7.21 4.07 -10.41
CA ILE A 178 7.77 4.83 -11.51
C ILE A 178 7.82 6.32 -11.15
N ASP A 179 8.88 6.97 -11.59
CA ASP A 179 8.97 8.42 -11.55
C ASP A 179 8.40 8.93 -12.85
N PRO A 180 7.26 9.61 -12.86
CA PRO A 180 6.66 9.99 -14.14
C PRO A 180 7.47 11.01 -14.93
N ASN A 181 8.39 11.71 -14.26
CA ASN A 181 9.23 12.67 -14.95
C ASN A 181 10.26 11.99 -15.86
N SER A 182 10.81 10.82 -15.48
CA SER A 182 11.85 10.13 -16.23
C SER A 182 11.42 8.76 -16.75
N GLY A 183 10.29 8.24 -16.31
CA GLY A 183 10.04 6.85 -16.54
C GLY A 183 10.92 5.93 -15.73
N GLY A 184 11.70 6.43 -14.76
CA GLY A 184 12.61 5.58 -14.03
C GLY A 184 11.82 4.67 -13.10
N THR A 185 12.22 3.39 -13.04
CA THR A 185 11.52 2.39 -12.25
C THR A 185 12.39 1.79 -11.16
N LYS A 186 11.72 1.33 -10.10
CA LYS A 186 12.32 0.47 -9.08
C LYS A 186 11.29 -0.62 -8.81
N TYR A 187 11.75 -1.87 -8.74
CA TYR A 187 10.87 -3.02 -8.56
C TYR A 187 11.24 -3.78 -7.29
N SER A 188 10.24 -4.50 -6.75
CA SER A 188 10.51 -5.51 -5.74
C SER A 188 11.18 -6.72 -6.40
N GLU A 189 11.86 -7.51 -5.57
CA GLU A 189 12.48 -8.72 -6.09
C GLU A 189 11.46 -9.60 -6.79
N LYS A 190 10.26 -9.74 -6.22
CA LYS A 190 9.26 -10.65 -6.78
CA LYS A 190 9.29 -10.66 -6.79
C LYS A 190 8.82 -10.22 -8.17
N PHE A 191 8.83 -8.92 -8.45
CA PHE A 191 8.28 -8.38 -9.70
C PHE A 191 9.33 -7.86 -10.67
N LYS A 192 10.61 -7.99 -10.34
CA LYS A 192 11.67 -7.34 -11.11
C LYS A 192 11.77 -7.85 -12.53
N SER A 193 11.28 -9.06 -12.81
CA SER A 193 11.34 -9.63 -14.15
CA SER A 193 11.34 -9.66 -14.13
C SER A 193 9.93 -9.95 -14.63
N LYS A 194 8.94 -9.26 -14.06
CA LYS A 194 7.55 -9.54 -14.32
C LYS A 194 6.74 -8.31 -14.71
N ALA A 195 6.79 -7.24 -13.93
CA ALA A 195 6.01 -6.05 -14.25
C ALA A 195 6.82 -5.12 -15.15
N THR A 196 6.13 -4.46 -16.09
CA THR A 196 6.71 -3.38 -16.89
C THR A 196 5.90 -2.10 -16.62
N LEU A 197 6.53 -1.12 -16.01
CA LEU A 197 5.86 0.15 -15.70
C LEU A 197 6.27 1.20 -16.72
N THR A 198 5.28 1.95 -17.19
CA THR A 198 5.50 3.07 -18.09
C THR A 198 4.57 4.21 -17.69
N VAL A 199 4.79 5.39 -18.28
CA VAL A 199 3.84 6.49 -18.16
C VAL A 199 3.62 7.08 -19.54
N ASP A 200 2.49 7.76 -19.66
CA ASP A 200 2.24 8.71 -20.75
C ASP A 200 2.01 10.08 -20.12
N LYS A 201 2.93 11.00 -20.33
CA LYS A 201 2.86 12.27 -19.62
C LYS A 201 1.72 13.16 -20.12
N PRO A 202 1.50 13.26 -21.44
CA PRO A 202 0.42 14.16 -21.89
C PRO A 202 -0.95 13.80 -21.36
N SER A 203 -1.23 12.52 -21.13
CA SER A 203 -2.52 12.10 -20.58
C SER A 203 -2.45 11.83 -19.08
N SER A 204 -1.32 12.14 -18.43
CA SER A 204 -1.13 11.93 -16.99
C SER A 204 -1.56 10.53 -16.56
N THR A 205 -1.12 9.51 -17.32
CA THR A 205 -1.53 8.14 -17.02
C THR A 205 -0.30 7.25 -16.84
N ALA A 206 -0.37 6.42 -15.80
CA ALA A 206 0.63 5.39 -15.52
C ALA A 206 0.09 4.04 -15.94
N TYR A 207 0.98 3.17 -16.43
CA TYR A 207 0.58 1.85 -16.87
C TYR A 207 1.44 0.76 -16.27
N MET A 208 0.86 -0.41 -16.08
CA MET A 208 1.59 -1.59 -15.63
C MET A 208 1.20 -2.76 -16.52
N GLN A 209 2.19 -3.38 -17.16
CA GLN A 209 1.95 -4.46 -18.10
CA GLN A 209 1.92 -4.46 -18.09
C GLN A 209 2.47 -5.77 -17.54
N PHE A 210 1.73 -6.85 -17.78
CA PHE A 210 2.16 -8.21 -17.46
C PHE A 210 1.89 -9.10 -18.67
N SER A 211 2.68 -10.16 -18.80
CA SER A 211 2.46 -11.19 -19.81
CA SER A 211 2.40 -11.18 -19.80
C SER A 211 2.37 -12.56 -19.14
N SER A 212 2.01 -13.58 -19.93
CA SER A 212 1.95 -14.97 -19.48
C SER A 212 1.21 -15.11 -18.17
N LEU A 213 0.05 -14.49 -18.09
CA LEU A 213 -0.67 -14.44 -16.82
C LEU A 213 -1.20 -15.82 -16.40
N THR A 214 -1.29 -16.01 -15.10
CA THR A 214 -1.90 -17.23 -14.55
C THR A 214 -2.79 -16.83 -13.39
N SER A 215 -3.49 -17.83 -12.84
CA SER A 215 -4.33 -17.57 -11.67
C SER A 215 -3.53 -17.02 -10.49
N GLU A 216 -2.21 -17.25 -10.44
CA GLU A 216 -1.42 -16.65 -9.38
CA GLU A 216 -1.38 -16.65 -9.40
C GLU A 216 -1.40 -15.13 -9.46
N ASP A 217 -1.71 -14.56 -10.62
CA ASP A 217 -1.79 -13.14 -10.81
C ASP A 217 -3.16 -12.57 -10.52
N SER A 218 -4.18 -13.40 -10.29
CA SER A 218 -5.51 -12.88 -9.99
C SER A 218 -5.45 -12.15 -8.65
N ALA A 219 -5.87 -10.89 -8.62
CA ALA A 219 -5.67 -10.03 -7.45
C ALA A 219 -6.26 -8.68 -7.78
N VAL A 220 -6.36 -7.83 -6.77
CA VAL A 220 -6.64 -6.41 -7.03
C VAL A 220 -5.31 -5.67 -7.10
N TYR A 221 -5.16 -4.82 -8.11
CA TYR A 221 -3.92 -4.05 -8.28
C TYR A 221 -4.24 -2.59 -8.10
N TYR A 222 -3.53 -1.94 -7.17
CA TYR A 222 -3.75 -0.53 -6.85
C TYR A 222 -2.57 0.30 -7.35
N CYS A 223 -2.87 1.52 -7.77
CA CYS A 223 -1.83 2.52 -7.83
C CYS A 223 -1.99 3.47 -6.63
N ALA A 224 -0.88 4.08 -6.25
CA ALA A 224 -0.90 5.03 -5.15
C ALA A 224 0.20 6.07 -5.39
N ARG A 225 -0.07 7.32 -5.07
CA ARG A 225 0.96 8.34 -5.25
C ARG A 225 1.78 8.49 -3.96
N TYR A 226 2.99 9.01 -4.14
CA TYR A 226 3.89 9.24 -3.02
C TYR A 226 4.78 10.43 -3.35
N TYR A 227 5.10 11.22 -2.38
CA TYR A 227 6.11 12.28 -2.51
C TYR A 227 7.19 12.01 -1.47
N TYR A 228 8.46 12.23 -1.83
CA TYR A 228 9.58 11.97 -0.93
C TYR A 228 9.35 12.52 0.47
N GLY A 229 9.62 11.69 1.48
CA GLY A 229 9.49 12.08 2.87
C GLY A 229 8.07 12.16 3.34
N ALA A 230 7.10 11.92 2.46
CA ALA A 230 5.70 12.16 2.82
C ALA A 230 4.98 10.83 2.96
N TYR A 231 3.97 10.55 2.14
CA TYR A 231 3.10 9.42 2.44
C TYR A 231 2.41 8.93 1.19
N PHE A 232 1.92 7.71 1.28
CA PHE A 232 1.03 7.14 0.26
C PHE A 232 -0.38 7.65 0.51
N ASP A 233 -0.58 8.94 0.24
CA ASP A 233 -1.83 9.55 0.69
C ASP A 233 -3.04 9.05 -0.10
N TYR A 234 -2.98 9.17 -1.44
CA TYR A 234 -4.11 8.87 -2.31
C TYR A 234 -3.85 7.59 -3.09
N TRP A 235 -4.86 6.73 -3.12
CA TRP A 235 -4.87 5.44 -3.76
C TRP A 235 -5.97 5.38 -4.80
N GLY A 236 -5.70 4.67 -5.90
CA GLY A 236 -6.78 4.29 -6.79
C GLY A 236 -7.70 3.30 -6.13
N GLN A 237 -8.85 3.06 -6.76
N GLN A 237 -8.84 3.06 -6.78
CA GLN A 237 -9.80 2.10 -6.22
CA GLN A 237 -9.83 2.12 -6.28
C GLN A 237 -9.44 0.65 -6.51
C GLN A 237 -9.47 0.66 -6.56
N GLY A 238 -8.45 0.40 -7.36
CA GLY A 238 -8.00 -0.94 -7.67
C GLY A 238 -8.66 -1.48 -8.94
N THR A 239 -7.89 -2.17 -9.74
CA THR A 239 -8.44 -2.99 -10.84
C THR A 239 -8.41 -4.45 -10.39
N THR A 240 -9.56 -5.13 -10.42
CA THR A 240 -9.59 -6.56 -10.13
C THR A 240 -9.20 -7.30 -11.40
N LEU A 241 -8.07 -7.99 -11.36
CA LEU A 241 -7.61 -8.81 -12.46
C LEU A 241 -8.01 -10.24 -12.14
N THR A 242 -8.82 -10.84 -13.02
CA THR A 242 -9.24 -12.24 -12.87
C THR A 242 -8.72 -12.99 -14.08
N VAL A 243 -7.83 -13.96 -13.84
CA VAL A 243 -7.25 -14.75 -14.92
C VAL A 243 -7.97 -16.08 -14.89
N SER A 244 -8.86 -16.30 -15.86
CA SER A 244 -9.71 -17.50 -15.82
C SER A 244 -10.02 -17.92 -17.24
N SER A 245 -10.19 -19.22 -17.46
CA SER A 245 -10.70 -19.67 -18.76
C SER A 245 -12.17 -19.28 -18.86
C10 A1LZO B . 12.05 8.67 0.88
N12 A1LZO B . 13.16 9.38 1.17
C01 A1LZO B . 13.47 6.89 -2.99
C02 A1LZO B . 12.37 6.32 -3.63
C03 A1LZO B . 11.18 6.11 -2.86
C04 A1LZO B . 11.15 6.38 -1.51
C05 A1LZO B . 12.25 6.92 -0.87
C06 A1LZO B . 13.43 7.17 -1.64
C08 A1LZO B . 14.13 11.54 0.71
C09 A1LZO B . 12.17 7.21 0.59
C18 A1LZO B . 13.11 10.78 1.51
N11 A1LZO B . 9.95 5.49 -3.44
O07 A1LZO B . 12.41 6.02 -4.94
O13 A1LZO B . 14.08 12.77 0.82
O14 A1LZO B . 14.90 10.83 0.03
O15 A1LZO B . 8.91 5.66 -2.78
O16 A1LZO B . 10.00 4.78 -4.42
O17 A1LZO B . 10.93 9.22 0.88
#